data_4XXB
#
_entry.id   4XXB
#
_cell.length_a   58.307
_cell.length_b   58.307
_cell.length_c   115.129
_cell.angle_alpha   90.00
_cell.angle_beta   90.00
_cell.angle_gamma   120.00
#
_symmetry.space_group_name_H-M   'P 32 2 1'
#
loop_
_entity.id
_entity.type
_entity.pdbx_description
1 polymer '60S ribosomal protein L11'
2 polymer 'E3 ubiquitin-protein ligase Mdm2'
3 non-polymer IMIDAZOLE
4 non-polymer BETA-MERCAPTOETHANOL
5 non-polymer 'ZINC ION'
6 water water
#
loop_
_entity_poly.entity_id
_entity_poly.type
_entity_poly.pdbx_seq_one_letter_code
_entity_poly.pdbx_strand_id
1 'polypeptide(L)'
;MAQDQGEKENPMRELRIRKLCLNICVGESGDRLTRAAKVLEQLTGQTPVFSKARYTVRSFGIRRNEKIAVHCTVRGAKAE
EILEKGLKVREYELRKNNFSDTGNFGFGIQEHIDLGIKYDPSIGIYGLDFYVVLGRPGFSIADKKRRTGCIGAKHRISKE
EAMRWFQQKYDGIILPGK
;
A
2 'polypeptide(L)'
;SFEEDPEISLADYWKCTSCNEMNPPLPSHCNRCWALRENWLPEDKGKDKGEISEKAKLENSTQAEEGFDVPDCKKTIVND
SRESCVEENDDKITQASQSQESEDYSQPSTSSSIIYSSQEDVKEFEREETQDKEESVESSLPLNAIEP
;
B
#
# COMPACT_ATOMS: atom_id res chain seq x y z
N ARG A 13 -23.57 -3.28 0.33
CA ARG A 13 -24.11 -2.95 1.69
C ARG A 13 -23.77 -4.03 2.73
N GLU A 14 -23.07 -5.08 2.30
CA GLU A 14 -22.70 -6.20 3.18
C GLU A 14 -21.22 -6.58 3.07
N LEU A 15 -20.41 -5.63 2.60
CA LEU A 15 -18.98 -5.82 2.48
C LEU A 15 -18.30 -4.65 3.16
N ARG A 16 -17.35 -4.92 4.04
CA ARG A 16 -16.74 -3.91 4.91
C ARG A 16 -15.22 -3.88 4.79
N ILE A 17 -14.61 -2.78 5.21
CA ILE A 17 -13.15 -2.72 5.34
C ILE A 17 -12.72 -3.39 6.64
N ARG A 18 -11.85 -4.39 6.51
CA ARG A 18 -11.30 -5.09 7.67
C ARG A 18 -10.07 -4.34 8.19
N LYS A 19 -9.16 -3.98 7.30
CA LYS A 19 -8.08 -3.07 7.65
C LYS A 19 -7.47 -2.37 6.44
N LEU A 20 -6.77 -1.27 6.72
CA LEU A 20 -5.99 -0.57 5.73
C LEU A 20 -4.55 -0.55 6.20
N CYS A 21 -3.66 -1.08 5.40
CA CYS A 21 -2.23 -1.03 5.71
C CYS A 21 -1.59 0.08 4.91
N LEU A 22 -0.69 0.81 5.57
CA LEU A 22 0.09 1.88 4.95
C LEU A 22 1.58 1.60 5.12
N ASN A 23 2.37 2.02 4.14
CA ASN A 23 3.79 1.77 4.13
C ASN A 23 4.55 2.87 3.38
N ILE A 24 5.60 3.38 4.00
CA ILE A 24 6.56 4.27 3.35
C ILE A 24 7.94 3.61 3.30
N CYS A 25 8.48 3.45 2.10
CA CYS A 25 9.83 2.91 1.90
C CYS A 25 10.88 4.00 1.90
N VAL A 26 12.00 3.77 2.60
CA VAL A 26 13.15 4.67 2.54
C VAL A 26 14.41 3.93 2.02
N GLY A 27 14.66 2.73 2.50
CA GLY A 27 15.79 1.93 1.99
C GLY A 27 16.96 1.88 2.95
N GLU A 28 17.05 2.84 3.87
CA GLU A 28 18.07 2.80 4.92
C GLU A 28 17.60 3.51 6.17
N SER A 29 18.23 3.18 7.30
CA SER A 29 17.92 3.81 8.57
C SER A 29 18.60 5.17 8.65
N GLY A 30 17.95 6.10 9.36
CA GLY A 30 18.47 7.45 9.52
C GLY A 30 17.38 8.49 9.62
N ASP A 31 17.75 9.73 9.31
CA ASP A 31 16.86 10.88 9.37
C ASP A 31 15.61 10.69 8.53
N ARG A 32 15.80 10.37 7.26
CA ARG A 32 14.70 10.27 6.32
C ARG A 32 13.69 9.17 6.73
N LEU A 33 14.19 8.08 7.31
CA LEU A 33 13.31 7.01 7.81
C LEU A 33 12.48 7.50 9.01
N THR A 34 13.14 8.09 9.99
CA THR A 34 12.48 8.57 11.20
C THR A 34 11.45 9.66 10.86
N ARG A 35 11.74 10.47 9.85
CA ARG A 35 10.76 11.45 9.38
C ARG A 35 9.56 10.79 8.68
N ALA A 36 9.78 9.63 8.06
CA ALA A 36 8.68 8.90 7.45
C ALA A 36 7.77 8.29 8.51
N ALA A 37 8.34 7.97 9.68
CA ALA A 37 7.57 7.52 10.84
C ALA A 37 6.63 8.62 11.31
N LYS A 38 7.16 9.82 11.51
CA LYS A 38 6.37 10.97 11.92
C LYS A 38 5.20 11.19 10.99
N VAL A 39 5.49 11.24 9.68
CA VAL A 39 4.45 11.42 8.67
C VAL A 39 3.31 10.40 8.85
N LEU A 40 3.65 9.14 9.12
CA LEU A 40 2.62 8.15 9.40
C LEU A 40 1.89 8.43 10.72
N GLU A 41 2.59 8.92 11.74
CA GLU A 41 1.97 9.30 13.02
C GLU A 41 0.99 10.46 12.86
N GLN A 42 1.44 11.52 12.17
CA GLN A 42 0.60 12.68 11.89
C GLN A 42 -0.62 12.25 11.10
N LEU A 43 -0.39 11.42 10.08
CA LEU A 43 -1.44 11.00 9.17
C LEU A 43 -2.44 10.06 9.84
N THR A 44 -1.99 9.34 10.86
CA THR A 44 -2.70 8.13 11.27
C THR A 44 -3.11 8.11 12.76
N GLY A 45 -2.39 8.86 13.59
CA GLY A 45 -2.65 8.90 15.04
C GLY A 45 -2.16 7.68 15.80
N GLN A 46 -1.45 6.79 15.09
CA GLN A 46 -0.87 5.58 15.69
C GLN A 46 0.64 5.60 15.49
N THR A 47 1.34 4.74 16.23
CA THR A 47 2.78 4.56 16.05
C THR A 47 3.08 3.50 15.01
N PRO A 48 3.85 3.88 13.97
CA PRO A 48 4.23 2.94 12.94
C PRO A 48 5.29 1.96 13.42
N VAL A 49 5.43 0.86 12.69
CA VAL A 49 6.42 -0.17 12.94
C VAL A 49 7.44 -0.11 11.80
N PHE A 50 8.71 -0.07 12.15
CA PHE A 50 9.81 -0.08 11.18
C PHE A 50 9.97 -1.49 10.62
N SER A 51 10.12 -1.59 9.30
CA SER A 51 10.36 -2.87 8.62
C SER A 51 11.83 -3.08 8.35
N LYS A 52 12.24 -4.33 8.29
CA LYS A 52 13.64 -4.68 8.08
C LYS A 52 13.79 -5.33 6.72
N ALA A 53 14.94 -5.13 6.10
CA ALA A 53 15.23 -5.78 4.82
C ALA A 53 15.31 -7.30 4.92
N ARG A 54 14.54 -7.97 4.05
CA ARG A 54 14.56 -9.43 3.94
C ARG A 54 15.89 -9.93 3.38
N TYR A 55 16.47 -9.22 2.42
CA TYR A 55 17.76 -9.58 1.82
C TYR A 55 18.64 -8.36 1.67
N THR A 56 19.96 -8.54 1.71
CA THR A 56 20.84 -7.45 1.32
C THR A 56 20.79 -7.36 -0.20
N VAL A 57 20.90 -6.15 -0.75
CA VAL A 57 20.83 -5.92 -2.19
C VAL A 57 21.90 -4.90 -2.56
N ARG A 58 23.05 -5.42 -2.98
CA ARG A 58 24.27 -4.63 -3.12
C ARG A 58 24.07 -3.37 -3.91
N SER A 59 23.49 -3.50 -5.10
CA SER A 59 23.40 -2.41 -6.04
C SER A 59 22.42 -1.30 -5.62
N PHE A 60 21.63 -1.55 -4.57
CA PHE A 60 20.70 -0.57 -4.01
C PHE A 60 21.07 -0.17 -2.58
N GLY A 61 22.23 -0.63 -2.12
CA GLY A 61 22.74 -0.23 -0.81
C GLY A 61 21.94 -0.78 0.34
N ILE A 62 21.21 -1.87 0.08
CA ILE A 62 20.36 -2.52 1.09
C ILE A 62 21.12 -3.62 1.83
N ARG A 63 21.00 -3.61 3.14
CA ARG A 63 21.63 -4.58 4.01
C ARG A 63 20.54 -5.35 4.74
N ARG A 64 20.64 -6.68 4.70
CA ARG A 64 19.72 -7.58 5.40
C ARG A 64 19.52 -7.09 6.82
N ASN A 65 18.27 -7.19 7.30
CA ASN A 65 17.93 -6.88 8.69
C ASN A 65 18.00 -5.40 9.08
N GLU A 66 18.41 -4.53 8.15
CA GLU A 66 18.36 -3.11 8.44
C GLU A 66 16.92 -2.56 8.41
N LYS A 67 16.64 -1.60 9.28
CA LYS A 67 15.37 -0.88 9.25
C LYS A 67 15.36 0.01 8.02
N ILE A 68 14.35 -0.15 7.17
CA ILE A 68 14.35 0.51 5.86
C ILE A 68 13.00 1.11 5.44
N ALA A 69 11.97 0.86 6.23
CA ALA A 69 10.62 1.28 5.89
C ALA A 69 9.77 1.37 7.16
N VAL A 70 8.61 2.01 7.05
CA VAL A 70 7.64 2.09 8.16
C VAL A 70 6.26 1.75 7.68
N HIS A 71 5.52 1.03 8.51
CA HIS A 71 4.16 0.67 8.17
C HIS A 71 3.23 0.79 9.34
N CYS A 72 1.95 0.90 9.03
CA CYS A 72 0.93 1.13 10.04
C CYS A 72 -0.35 0.45 9.58
N THR A 73 -1.07 -0.13 10.52
CA THR A 73 -2.37 -0.72 10.25
C THR A 73 -3.43 0.18 10.89
N VAL A 74 -4.49 0.48 10.15
CA VAL A 74 -5.64 1.22 10.70
C VAL A 74 -6.94 0.51 10.38
N ARG A 75 -7.88 0.62 11.30
CA ARG A 75 -9.21 0.00 11.15
C ARG A 75 -10.29 1.05 11.37
N GLY A 76 -11.54 0.66 11.11
CA GLY A 76 -12.72 1.48 11.40
C GLY A 76 -12.77 2.81 10.68
N ALA A 77 -13.33 3.81 11.34
CA ALA A 77 -13.57 5.11 10.71
C ALA A 77 -12.28 5.75 10.18
N LYS A 78 -11.18 5.52 10.90
CA LYS A 78 -9.87 6.06 10.54
C LYS A 78 -9.39 5.51 9.19
N ALA A 79 -9.63 4.21 8.97
CA ALA A 79 -9.25 3.54 7.74
C ALA A 79 -10.01 4.09 6.54
N GLU A 80 -11.34 4.18 6.67
CA GLU A 80 -12.19 4.78 5.64
C GLU A 80 -11.71 6.17 5.21
N GLU A 81 -11.38 6.99 6.20
CA GLU A 81 -11.00 8.37 5.97
C GLU A 81 -9.71 8.46 5.16
N ILE A 82 -8.68 7.74 5.62
CA ILE A 82 -7.37 7.72 4.96
C ILE A 82 -7.47 7.14 3.54
N LEU A 83 -8.20 6.03 3.38
CA LEU A 83 -8.49 5.47 2.05
C LEU A 83 -9.08 6.50 1.11
N GLU A 84 -10.08 7.25 1.60
CA GLU A 84 -10.74 8.27 0.79
C GLU A 84 -9.77 9.34 0.34
N LYS A 85 -8.93 9.82 1.27
CA LYS A 85 -7.88 10.77 0.92
C LYS A 85 -7.01 10.20 -0.21
N GLY A 86 -6.58 8.94 -0.06
CA GLY A 86 -5.80 8.28 -1.09
C GLY A 86 -6.51 8.16 -2.42
N LEU A 87 -7.77 7.71 -2.38
CA LEU A 87 -8.56 7.60 -3.61
C LEU A 87 -8.78 8.94 -4.30
N LYS A 88 -9.03 9.98 -3.53
CA LYS A 88 -9.20 11.32 -4.09
C LYS A 88 -7.93 11.72 -4.82
N VAL A 89 -6.78 11.47 -4.22
CA VAL A 89 -5.51 11.76 -4.89
C VAL A 89 -5.43 11.01 -6.21
N ARG A 90 -5.92 9.76 -6.21
CA ARG A 90 -5.94 8.93 -7.41
C ARG A 90 -7.14 9.23 -8.31
N GLU A 91 -7.91 10.25 -7.95
CA GLU A 91 -9.14 10.60 -8.67
C GLU A 91 -10.09 9.40 -8.81
N TYR A 92 -10.20 8.61 -7.74
CA TYR A 92 -11.13 7.48 -7.67
C TYR A 92 -10.96 6.50 -8.85
N GLU A 93 -9.72 6.36 -9.31
CA GLU A 93 -9.42 5.59 -10.49
C GLU A 93 -8.23 4.65 -10.30
N LEU A 94 -8.53 3.35 -10.28
CA LEU A 94 -7.53 2.29 -10.16
C LEU A 94 -7.48 1.43 -11.45
N ARG A 95 -6.61 0.41 -11.49
CA ARG A 95 -6.54 -0.58 -12.57
C ARG A 95 -6.98 -1.90 -12.01
N LYS A 96 -7.44 -2.80 -12.89
CA LYS A 96 -7.74 -4.18 -12.50
C LYS A 96 -6.54 -4.86 -11.84
N ASN A 97 -5.33 -4.46 -12.24
CA ASN A 97 -4.07 -4.93 -11.63
C ASN A 97 -4.01 -4.72 -10.12
N ASN A 98 -4.64 -3.65 -9.65
CA ASN A 98 -4.60 -3.29 -8.23
C ASN A 98 -5.41 -4.26 -7.38
N PHE A 99 -6.28 -5.03 -8.02
CA PHE A 99 -7.17 -5.93 -7.30
C PHE A 99 -6.65 -7.37 -7.26
N SER A 100 -6.41 -7.88 -6.06
CA SER A 100 -5.96 -9.25 -5.86
C SER A 100 -7.08 -10.26 -6.12
N ASP A 101 -6.68 -11.51 -6.33
CA ASP A 101 -7.64 -12.59 -6.54
C ASP A 101 -8.43 -12.93 -5.27
N THR A 102 -8.03 -12.33 -4.16
CA THR A 102 -8.64 -12.58 -2.85
C THR A 102 -9.78 -11.62 -2.50
N GLY A 103 -9.98 -10.62 -3.35
CA GLY A 103 -10.95 -9.58 -3.07
C GLY A 103 -10.40 -8.46 -2.20
N ASN A 104 -9.08 -8.33 -2.17
CA ASN A 104 -8.43 -7.16 -1.60
C ASN A 104 -7.78 -6.38 -2.71
N PHE A 105 -7.29 -5.19 -2.38
CA PHE A 105 -6.69 -4.31 -3.38
C PHE A 105 -5.82 -3.25 -2.72
N GLY A 106 -4.88 -2.69 -3.50
CA GLY A 106 -4.04 -1.62 -3.00
C GLY A 106 -3.59 -0.73 -4.12
N PHE A 107 -2.76 0.26 -3.79
CA PHE A 107 -2.33 1.23 -4.78
C PHE A 107 -1.30 2.13 -4.13
N GLY A 108 -0.57 2.86 -4.96
CA GLY A 108 0.36 3.85 -4.46
C GLY A 108 0.03 5.26 -4.93
N ILE A 109 0.58 6.23 -4.21
CA ILE A 109 0.52 7.64 -4.63
C ILE A 109 1.96 8.17 -4.58
N GLN A 110 2.32 9.07 -5.50
CA GLN A 110 3.69 9.59 -5.55
C GLN A 110 4.08 10.48 -4.37
N GLU A 111 3.16 11.31 -3.89
CA GLU A 111 3.53 12.35 -2.93
C GLU A 111 2.53 12.42 -1.80
N HIS A 112 3.03 12.31 -0.58
CA HIS A 112 2.19 12.22 0.61
C HIS A 112 1.51 13.54 0.92
N ILE A 113 2.10 14.64 0.45
CA ILE A 113 1.57 15.98 0.70
C ILE A 113 0.15 16.15 0.12
N ASP A 114 -0.18 15.35 -0.89
CA ASP A 114 -1.48 15.35 -1.55
C ASP A 114 -2.62 14.81 -0.68
N LEU A 115 -2.30 14.16 0.44
CA LEU A 115 -3.31 13.80 1.42
C LEU A 115 -3.66 14.99 2.34
N GLY A 116 -2.91 16.07 2.19
CA GLY A 116 -3.09 17.27 2.99
C GLY A 116 -2.07 17.44 4.11
N ILE A 117 -0.89 16.84 3.95
CA ILE A 117 0.18 17.04 4.90
C ILE A 117 1.01 18.19 4.32
N LYS A 118 1.38 19.16 5.17
CA LYS A 118 2.18 20.30 4.73
C LYS A 118 3.57 19.89 4.22
N TYR A 119 4.00 20.47 3.10
CA TYR A 119 5.37 20.29 2.62
C TYR A 119 6.39 21.02 3.50
N ASP A 120 7.45 20.30 3.87
CA ASP A 120 8.59 20.89 4.54
C ASP A 120 9.84 20.55 3.72
N PRO A 121 10.59 21.58 3.26
CA PRO A 121 11.82 21.33 2.51
C PRO A 121 12.84 20.50 3.31
N SER A 122 12.74 20.56 4.64
CA SER A 122 13.52 19.70 5.54
C SER A 122 13.12 18.23 5.42
N ILE A 123 11.81 17.99 5.35
CA ILE A 123 11.24 16.63 5.28
C ILE A 123 11.41 16.00 3.89
N GLY A 124 11.01 16.74 2.86
CA GLY A 124 11.01 16.24 1.49
C GLY A 124 9.66 15.67 1.09
N ILE A 125 9.70 14.70 0.19
CA ILE A 125 8.50 14.06 -0.37
C ILE A 125 8.54 12.54 -0.15
N TYR A 126 7.42 11.95 0.26
CA TYR A 126 7.32 10.49 0.38
C TYR A 126 6.25 9.90 -0.53
N GLY A 127 6.58 8.77 -1.17
CA GLY A 127 5.58 7.92 -1.81
C GLY A 127 4.87 7.14 -0.71
N LEU A 128 3.63 6.73 -0.95
CA LEU A 128 2.88 5.99 0.04
C LEU A 128 2.15 4.82 -0.61
N ASP A 129 2.16 3.67 0.07
CA ASP A 129 1.48 2.46 -0.36
C ASP A 129 0.25 2.21 0.48
N PHE A 130 -0.85 1.84 -0.16
CA PHE A 130 -2.08 1.48 0.52
C PHE A 130 -2.37 0.02 0.20
N TYR A 131 -2.78 -0.75 1.21
CA TYR A 131 -3.41 -2.05 0.94
C TYR A 131 -4.67 -2.23 1.78
N VAL A 132 -5.76 -2.57 1.10
CA VAL A 132 -7.06 -2.67 1.75
C VAL A 132 -7.50 -4.12 1.76
N VAL A 133 -7.65 -4.67 2.96
CA VAL A 133 -8.23 -6.00 3.09
C VAL A 133 -9.71 -5.94 3.53
N LEU A 134 -10.54 -6.49 2.66
CA LEU A 134 -11.98 -6.51 2.85
C LEU A 134 -12.45 -7.72 3.63
N GLY A 135 -13.69 -7.66 4.14
CA GLY A 135 -14.28 -8.76 4.89
C GLY A 135 -15.79 -8.65 4.90
N ARG A 136 -16.44 -9.63 5.53
CA ARG A 136 -17.89 -9.61 5.73
C ARG A 136 -18.22 -9.44 7.20
N PRO A 137 -19.25 -8.63 7.52
CA PRO A 137 -19.56 -8.19 8.89
C PRO A 137 -19.94 -9.31 9.90
N GLY A 138 -19.84 -10.57 9.48
CA GLY A 138 -20.10 -11.71 10.37
C GLY A 138 -19.01 -11.94 11.40
N LYS A 154 -17.62 -16.74 6.36
CA LYS A 154 -16.29 -17.11 5.86
C LYS A 154 -16.29 -17.38 4.34
N HIS A 155 -17.44 -17.16 3.70
CA HIS A 155 -17.56 -17.29 2.24
C HIS A 155 -16.60 -16.31 1.53
N ARG A 156 -15.80 -16.85 0.61
CA ARG A 156 -14.74 -16.08 -0.07
C ARG A 156 -15.25 -14.85 -0.82
N ILE A 157 -14.45 -13.79 -0.79
CA ILE A 157 -14.73 -12.59 -1.57
C ILE A 157 -13.94 -12.72 -2.88
N SER A 158 -14.64 -12.76 -4.00
CA SER A 158 -13.98 -12.86 -5.31
C SER A 158 -13.39 -11.52 -5.72
N LYS A 159 -12.51 -11.54 -6.73
CA LYS A 159 -11.92 -10.33 -7.28
C LYS A 159 -13.00 -9.40 -7.84
N GLU A 160 -14.06 -9.99 -8.38
CA GLU A 160 -15.15 -9.26 -9.03
C GLU A 160 -16.08 -8.57 -8.04
N GLU A 161 -16.32 -9.21 -6.89
CA GLU A 161 -17.13 -8.59 -5.83
C GLU A 161 -16.45 -7.34 -5.28
N ALA A 162 -15.16 -7.46 -4.96
CA ALA A 162 -14.38 -6.32 -4.48
C ALA A 162 -14.37 -5.19 -5.50
N MET A 163 -14.38 -5.56 -6.78
CA MET A 163 -14.38 -4.58 -7.85
C MET A 163 -15.69 -3.79 -7.93
N ARG A 164 -16.82 -4.49 -7.84
CA ARG A 164 -18.10 -3.78 -7.85
C ARG A 164 -18.44 -3.11 -6.52
N TRP A 165 -17.83 -3.58 -5.43
CA TRP A 165 -17.88 -2.87 -4.15
C TRP A 165 -17.20 -1.52 -4.28
N PHE A 166 -15.99 -1.52 -4.83
CA PHE A 166 -15.25 -0.28 -5.01
C PHE A 166 -16.00 0.66 -5.96
N GLN A 167 -16.60 0.07 -6.99
CA GLN A 167 -17.26 0.86 -8.02
C GLN A 167 -18.51 1.55 -7.51
N GLN A 168 -19.26 0.83 -6.69
CA GLN A 168 -20.50 1.33 -6.12
C GLN A 168 -20.29 2.24 -4.92
N LYS A 169 -19.43 1.83 -3.98
CA LYS A 169 -19.24 2.61 -2.76
C LYS A 169 -18.49 3.93 -2.99
N TYR A 170 -17.57 3.97 -3.94
CA TYR A 170 -16.81 5.20 -4.21
C TYR A 170 -17.09 5.82 -5.56
N ASP A 171 -18.08 5.28 -6.27
CA ASP A 171 -18.31 5.61 -7.69
C ASP A 171 -16.98 5.54 -8.44
N GLY A 172 -16.19 4.52 -8.09
CA GLY A 172 -14.82 4.38 -8.56
C GLY A 172 -14.72 3.83 -9.97
N ILE A 173 -13.58 4.11 -10.61
CA ILE A 173 -13.31 3.65 -11.97
C ILE A 173 -12.14 2.67 -11.98
N ILE A 174 -12.39 1.49 -12.53
CA ILE A 174 -11.36 0.45 -12.66
C ILE A 174 -11.01 0.30 -14.12
N LEU A 175 -9.88 0.89 -14.49
CA LEU A 175 -9.34 0.79 -15.83
C LEU A 175 -8.99 -0.64 -16.17
N PRO A 176 -9.01 -0.98 -17.48
CA PRO A 176 -8.63 -2.33 -17.92
C PRO A 176 -7.23 -2.70 -17.47
N GLY A 177 -7.04 -4.00 -17.21
CA GLY A 177 -5.73 -4.55 -16.91
C GLY A 177 -4.69 -4.21 -17.97
N LYS A 178 -3.52 -3.80 -17.50
CA LYS A 178 -2.35 -3.63 -18.35
C LYS A 178 -1.39 -4.80 -18.14
N GLU B 4 3.05 -15.28 8.40
CA GLU B 4 3.45 -14.02 9.09
C GLU B 4 2.25 -13.14 9.47
N ASP B 5 1.23 -13.10 8.61
CA ASP B 5 0.00 -12.30 8.83
C ASP B 5 -1.25 -13.11 8.49
N PRO B 6 -2.09 -13.41 9.50
CA PRO B 6 -3.27 -14.28 9.36
C PRO B 6 -4.47 -13.67 8.61
N GLU B 7 -4.41 -12.38 8.27
CA GLU B 7 -5.52 -11.73 7.58
C GLU B 7 -5.35 -11.67 6.05
N ILE B 8 -4.20 -12.14 5.57
CA ILE B 8 -3.93 -12.23 4.13
C ILE B 8 -3.43 -13.64 3.77
N SER B 9 -3.48 -13.96 2.48
CA SER B 9 -2.99 -15.26 2.01
C SER B 9 -1.89 -15.05 0.97
N LEU B 10 -1.41 -16.15 0.41
CA LEU B 10 -0.41 -16.10 -0.64
C LEU B 10 -0.99 -15.48 -1.91
N ALA B 11 -2.32 -15.52 -2.02
CA ALA B 11 -3.03 -14.95 -3.17
C ALA B 11 -3.00 -13.42 -3.18
N ASP B 12 -2.58 -12.84 -2.05
CA ASP B 12 -2.35 -11.41 -1.95
C ASP B 12 -0.93 -11.04 -2.41
N TYR B 13 -0.09 -12.05 -2.61
CA TYR B 13 1.28 -11.85 -3.07
C TYR B 13 1.33 -11.57 -4.56
N TRP B 14 2.32 -10.77 -4.96
CA TRP B 14 2.53 -10.42 -6.36
C TRP B 14 3.88 -10.90 -6.83
N LYS B 15 3.91 -11.35 -8.08
CA LYS B 15 5.10 -11.94 -8.65
C LYS B 15 5.90 -10.90 -9.41
N CYS B 16 7.10 -10.60 -8.93
CA CYS B 16 8.03 -9.74 -9.67
C CYS B 16 8.33 -10.35 -11.05
N THR B 17 8.19 -9.53 -12.10
CA THR B 17 8.39 -10.00 -13.49
C THR B 17 9.84 -9.88 -13.92
N SER B 18 10.71 -9.41 -13.04
CA SER B 18 12.13 -9.32 -13.37
C SER B 18 12.94 -10.49 -12.83
N CYS B 19 12.48 -11.09 -11.73
CA CYS B 19 13.25 -12.10 -11.03
C CYS B 19 12.35 -13.21 -10.46
N ASN B 20 11.04 -13.04 -10.62
CA ASN B 20 10.06 -14.06 -10.23
C ASN B 20 9.86 -14.29 -8.74
N GLU B 21 10.42 -13.40 -7.92
CA GLU B 21 10.15 -13.44 -6.50
C GLU B 21 8.67 -13.16 -6.19
N MET B 22 8.10 -13.99 -5.33
CA MET B 22 6.80 -13.73 -4.71
C MET B 22 6.98 -12.72 -3.57
N ASN B 23 6.25 -11.63 -3.65
CA ASN B 23 6.38 -10.53 -2.71
C ASN B 23 5.09 -10.28 -1.96
N PRO B 24 5.18 -9.97 -0.64
CA PRO B 24 3.96 -9.60 0.13
C PRO B 24 3.24 -8.38 -0.49
N PRO B 25 1.94 -8.18 -0.21
CA PRO B 25 1.24 -7.04 -0.79
C PRO B 25 2.03 -5.75 -0.69
N LEU B 26 2.58 -5.47 0.49
CA LEU B 26 3.41 -4.29 0.71
C LEU B 26 4.80 -4.73 1.20
N PRO B 27 5.89 -4.15 0.63
CA PRO B 27 6.02 -2.99 -0.26
C PRO B 27 5.70 -3.29 -1.72
N SER B 28 5.67 -2.24 -2.54
CA SER B 28 5.39 -2.36 -3.97
C SER B 28 6.66 -2.34 -4.85
N HIS B 29 7.80 -2.65 -4.25
CA HIS B 29 8.98 -3.04 -5.04
C HIS B 29 9.35 -4.43 -4.61
N CYS B 30 10.05 -5.15 -5.48
CA CYS B 30 10.47 -6.53 -5.18
C CYS B 30 11.49 -6.54 -4.05
N ASN B 31 11.30 -7.45 -3.09
CA ASN B 31 12.25 -7.57 -1.98
C ASN B 31 13.58 -8.21 -2.36
N ARG B 32 13.63 -8.91 -3.50
CA ARG B 32 14.87 -9.57 -3.98
C ARG B 32 15.72 -8.61 -4.85
N CYS B 33 15.11 -7.98 -5.85
CA CYS B 33 15.83 -7.19 -6.85
C CYS B 33 15.48 -5.70 -6.87
N TRP B 34 14.50 -5.28 -6.05
CA TRP B 34 14.04 -3.89 -5.96
C TRP B 34 13.25 -3.34 -7.12
N ALA B 35 12.97 -4.14 -8.13
CA ALA B 35 12.15 -3.70 -9.25
C ALA B 35 10.75 -3.29 -8.78
N LEU B 36 10.25 -2.18 -9.30
CA LEU B 36 8.92 -1.66 -8.91
C LEU B 36 7.82 -2.51 -9.48
N ARG B 37 6.74 -2.65 -8.75
CA ARG B 37 5.55 -3.33 -9.26
C ARG B 37 4.86 -2.46 -10.30
N GLU B 38 4.40 -3.08 -11.39
CA GLU B 38 3.78 -2.33 -12.49
C GLU B 38 2.33 -2.04 -12.17
N ASN B 39 1.82 -0.94 -12.72
CA ASN B 39 0.41 -0.59 -12.64
C ASN B 39 -0.08 -0.48 -11.20
N TRP B 40 0.79 0.10 -10.37
CA TRP B 40 0.51 0.32 -8.99
C TRP B 40 0.30 1.79 -8.77
N LEU B 41 1.19 2.57 -9.39
CA LEU B 41 1.15 4.01 -9.34
C LEU B 41 0.28 4.54 -10.49
N PRO B 42 -0.30 5.74 -10.33
CA PRO B 42 -1.05 6.43 -11.39
C PRO B 42 -0.18 6.72 -12.62
N GLU B 43 -0.72 6.49 -13.81
CA GLU B 43 0.04 6.68 -15.06
C GLU B 43 0.04 8.15 -15.48
N ASP B 44 1.23 8.69 -15.69
CA ASP B 44 1.40 10.10 -16.10
C ASP B 44 1.04 10.33 -17.58
N LYS B 45 0.65 11.57 -17.90
CA LYS B 45 0.29 11.94 -19.27
C LYS B 45 1.34 12.83 -19.94
#